data_1J1M
#
_entry.id   1J1M
#
_cell.length_a   67.600
_cell.length_b   67.600
_cell.length_c   141.000
_cell.angle_alpha   90.00
_cell.angle_beta   90.00
_cell.angle_gamma   90.00
#
_symmetry.space_group_name_H-M   'P 41 21 2'
#
loop_
_entity.id
_entity.type
_entity.pdbx_description
1 polymer Ricin
2 branched alpha-D-glucopyranose-(1-1)-alpha-D-glucopyranose
3 non-polymer 'SULFATE ION'
4 water water
#
_entity_poly.entity_id   1
_entity_poly.type   'polypeptide(L)'
_entity_poly.pdbx_seq_one_letter_code
;MIFPKQYPIINFTTAGATVQSYTNFIRAVRGRLTTGADVRHEIPVLPNRVGLPINQRFILVELSNHAELSVTLALDVTNA
YVVGYRAGNSAYFFHPDNQEDAEAITHLFTDVQNRYTFAFGGNYDRLEQLAGNLREDIELGNGPLEEAISALYYYSTGGT
QLPTLARSFIICIQMISEAARFQYIEGEMRTRIRYNRRSAPDPSVITLENSWGRLSTAIQESNQGAFASPIQLQRRNGSK
FSVYDVSILIPIIALMVYRCAPPPSSQF
;
_entity_poly.pdbx_strand_id   A
#
loop_
_chem_comp.id
_chem_comp.type
_chem_comp.name
_chem_comp.formula
GLC D-saccharide, alpha linking alpha-D-glucopyranose 'C6 H12 O6'
SO4 non-polymer 'SULFATE ION' 'O4 S -2'
#
# COMPACT_ATOMS: atom_id res chain seq x y z
N TYR A 7 -12.02 -13.02 5.81
CA TYR A 7 -10.70 -12.64 5.24
C TYR A 7 -9.62 -12.58 6.32
N PRO A 8 -8.36 -12.86 5.95
CA PRO A 8 -7.23 -12.86 6.88
C PRO A 8 -7.06 -11.49 7.52
N ILE A 9 -6.69 -11.48 8.81
CA ILE A 9 -6.49 -10.24 9.53
C ILE A 9 -5.06 -10.16 10.07
N ILE A 10 -4.41 -9.02 9.87
CA ILE A 10 -3.06 -8.79 10.38
C ILE A 10 -3.15 -7.58 11.29
N ASN A 11 -2.64 -7.71 12.51
CA ASN A 11 -2.69 -6.62 13.48
C ASN A 11 -1.40 -5.84 13.61
N PHE A 12 -1.53 -4.56 13.91
CA PHE A 12 -0.39 -3.69 14.14
C PHE A 12 -0.82 -2.51 14.99
N THR A 13 0.02 -2.14 15.94
CA THR A 13 -0.27 -0.99 16.76
C THR A 13 0.92 -0.06 16.79
N THR A 14 0.64 1.24 16.79
CA THR A 14 1.68 2.24 16.84
C THR A 14 2.17 2.37 18.28
N ALA A 15 1.37 1.88 19.23
CA ALA A 15 1.72 1.95 20.64
C ALA A 15 2.98 1.13 20.93
N GLY A 16 4.05 1.81 21.32
CA GLY A 16 5.29 1.12 21.62
C GLY A 16 5.90 0.40 20.42
N ALA A 17 5.56 0.87 19.22
CA ALA A 17 6.09 0.24 18.02
C ALA A 17 7.61 0.29 17.96
N THR A 18 8.20 -0.77 17.42
CA THR A 18 9.65 -0.87 17.27
C THR A 18 9.93 -1.33 15.85
N VAL A 19 11.21 -1.28 15.47
CA VAL A 19 11.60 -1.73 14.15
C VAL A 19 11.14 -3.18 13.98
N GLN A 20 11.34 -4.00 15.01
CA GLN A 20 10.95 -5.40 14.93
C GLN A 20 9.44 -5.62 14.81
N SER A 21 8.64 -4.92 15.61
CA SER A 21 7.19 -5.13 15.52
C SER A 21 6.66 -4.65 14.18
N TYR A 22 7.22 -3.58 13.64
CA TYR A 22 6.78 -3.09 12.34
C TYR A 22 7.22 -4.08 11.25
N THR A 23 8.42 -4.62 11.39
CA THR A 23 8.95 -5.59 10.44
C THR A 23 8.04 -6.83 10.43
N ASN A 24 7.67 -7.32 11.60
CA ASN A 24 6.80 -8.49 11.70
C ASN A 24 5.50 -8.23 10.96
N PHE A 25 4.96 -7.03 11.17
CA PHE A 25 3.70 -6.62 10.56
C PHE A 25 3.78 -6.64 9.03
N ILE A 26 4.75 -5.93 8.46
CA ILE A 26 4.87 -5.90 7.01
C ILE A 26 5.13 -7.29 6.43
N ARG A 27 5.93 -8.09 7.12
CA ARG A 27 6.22 -9.44 6.65
C ARG A 27 4.92 -10.25 6.62
N ALA A 28 4.09 -10.11 7.65
CA ALA A 28 2.83 -10.83 7.72
C ALA A 28 1.87 -10.37 6.61
N VAL A 29 1.86 -9.07 6.34
CA VAL A 29 1.01 -8.54 5.29
C VAL A 29 1.42 -9.16 3.94
N ARG A 30 2.70 -9.12 3.62
CA ARG A 30 3.17 -9.71 2.36
C ARG A 30 2.80 -11.18 2.31
N GLY A 31 2.90 -11.86 3.45
CA GLY A 31 2.59 -13.28 3.52
C GLY A 31 1.16 -13.61 3.16
N ARG A 32 0.25 -12.65 3.33
CA ARG A 32 -1.15 -12.84 3.01
C ARG A 32 -1.49 -12.28 1.63
N LEU A 33 -0.55 -11.55 1.04
CA LEU A 33 -0.78 -10.97 -0.28
C LEU A 33 -0.35 -11.91 -1.41
N THR A 34 0.86 -12.46 -1.33
CA THR A 34 1.35 -13.37 -2.35
C THR A 34 1.19 -14.81 -1.88
N THR A 35 1.00 -15.71 -2.83
CA THR A 35 0.81 -17.13 -2.52
C THR A 35 2.04 -17.99 -2.76
N GLY A 36 3.00 -17.44 -3.49
CA GLY A 36 4.21 -18.19 -3.79
C GLY A 36 4.08 -18.96 -5.10
N ALA A 37 2.89 -18.90 -5.69
CA ALA A 37 2.63 -19.60 -6.95
C ALA A 37 3.23 -18.86 -8.14
N ASP A 38 3.47 -17.56 -7.98
CA ASP A 38 3.99 -16.74 -9.07
C ASP A 38 5.20 -15.93 -8.64
N VAL A 39 6.38 -16.34 -9.08
CA VAL A 39 7.61 -15.65 -8.76
C VAL A 39 8.42 -15.50 -10.03
N ARG A 40 8.87 -14.29 -10.32
CA ARG A 40 9.64 -14.05 -11.52
C ARG A 40 10.88 -13.23 -11.22
N HIS A 41 12.02 -13.78 -11.61
CA HIS A 41 13.31 -13.15 -11.36
C HIS A 41 13.43 -12.90 -9.85
N GLU A 42 12.95 -13.87 -9.09
CA GLU A 42 13.00 -13.84 -7.63
C GLU A 42 12.00 -12.88 -6.97
N ILE A 43 11.20 -12.19 -7.77
CA ILE A 43 10.22 -11.25 -7.24
C ILE A 43 8.80 -11.79 -7.35
N PRO A 44 8.09 -11.91 -6.22
CA PRO A 44 6.72 -12.40 -6.16
C PRO A 44 5.72 -11.51 -6.89
N VAL A 45 4.73 -12.14 -7.50
CA VAL A 45 3.68 -11.43 -8.21
C VAL A 45 2.37 -11.65 -7.45
N LEU A 46 1.58 -10.60 -7.33
CA LEU A 46 0.30 -10.68 -6.65
C LEU A 46 -0.67 -11.50 -7.49
N PRO A 47 -1.73 -12.02 -6.86
CA PRO A 47 -2.71 -12.82 -7.60
C PRO A 47 -3.32 -12.03 -8.76
N ASN A 48 -3.59 -12.73 -9.86
CA ASN A 48 -4.20 -12.14 -11.04
C ASN A 48 -5.68 -11.91 -10.75
N ARG A 49 -6.16 -10.70 -11.04
CA ARG A 49 -7.55 -10.33 -10.84
C ARG A 49 -8.46 -11.29 -11.61
N VAL A 50 -8.02 -11.69 -12.80
CA VAL A 50 -8.79 -12.59 -13.65
C VAL A 50 -8.90 -14.00 -13.06
N GLY A 51 -10.12 -14.42 -12.76
CA GLY A 51 -10.35 -15.74 -12.22
C GLY A 51 -10.21 -15.86 -10.71
N LEU A 52 -9.91 -14.75 -10.04
CA LEU A 52 -9.71 -14.76 -8.59
C LEU A 52 -11.02 -14.84 -7.80
N PRO A 53 -11.20 -15.93 -7.03
CA PRO A 53 -12.43 -16.08 -6.23
C PRO A 53 -12.57 -14.95 -5.22
N ILE A 54 -13.79 -14.48 -5.02
CA ILE A 54 -14.04 -13.39 -4.09
C ILE A 54 -13.60 -13.68 -2.66
N ASN A 55 -13.60 -14.95 -2.26
CA ASN A 55 -13.20 -15.31 -0.90
C ASN A 55 -11.69 -15.20 -0.68
N GLN A 56 -10.95 -14.89 -1.73
CA GLN A 56 -9.49 -14.76 -1.67
C GLN A 56 -9.06 -13.37 -2.15
N ARG A 57 -10.03 -12.48 -2.29
CA ARG A 57 -9.78 -11.15 -2.84
C ARG A 57 -9.22 -10.06 -1.92
N PHE A 58 -9.50 -10.14 -0.62
CA PHE A 58 -9.06 -9.11 0.31
C PHE A 58 -8.37 -9.63 1.56
N ILE A 59 -7.67 -8.72 2.24
CA ILE A 59 -7.04 -9.00 3.52
C ILE A 59 -7.35 -7.77 4.36
N LEU A 60 -7.36 -7.95 5.68
CA LEU A 60 -7.69 -6.87 6.59
C LEU A 60 -6.52 -6.53 7.50
N VAL A 61 -6.32 -5.24 7.73
CA VAL A 61 -5.26 -4.78 8.61
C VAL A 61 -5.91 -4.04 9.76
N GLU A 62 -5.80 -4.61 10.95
CA GLU A 62 -6.38 -4.02 12.15
C GLU A 62 -5.34 -3.12 12.81
N LEU A 63 -5.55 -1.81 12.69
CA LEU A 63 -4.63 -0.84 13.27
C LEU A 63 -5.12 -0.30 14.60
N SER A 64 -4.22 -0.25 15.57
CA SER A 64 -4.55 0.28 16.89
C SER A 64 -3.47 1.29 17.23
N ASN A 65 -3.75 2.17 18.18
CA ASN A 65 -2.76 3.15 18.58
C ASN A 65 -2.73 3.36 20.09
N HIS A 66 -1.81 4.20 20.55
CA HIS A 66 -1.66 4.47 21.97
C HIS A 66 -2.91 5.13 22.55
N ALA A 67 -3.66 5.83 21.72
CA ALA A 67 -4.89 6.49 22.15
C ALA A 67 -6.01 5.46 22.37
N GLU A 68 -5.67 4.18 22.22
CA GLU A 68 -6.63 3.09 22.39
C GLU A 68 -7.77 3.08 21.40
N LEU A 69 -7.48 3.53 20.18
CA LEU A 69 -8.48 3.54 19.12
C LEU A 69 -8.05 2.51 18.07
N SER A 70 -9.02 1.99 17.33
CA SER A 70 -8.73 1.00 16.30
C SER A 70 -9.58 1.18 15.06
N VAL A 71 -8.98 0.89 13.91
CA VAL A 71 -9.68 0.97 12.64
C VAL A 71 -9.21 -0.23 11.82
N THR A 72 -10.05 -0.70 10.91
CA THR A 72 -9.70 -1.84 10.08
C THR A 72 -9.61 -1.41 8.63
N LEU A 73 -8.44 -1.56 8.02
CA LEU A 73 -8.26 -1.22 6.62
C LEU A 73 -8.43 -2.48 5.79
N ALA A 74 -9.05 -2.34 4.63
CA ALA A 74 -9.23 -3.46 3.72
C ALA A 74 -8.28 -3.27 2.54
N LEU A 75 -7.47 -4.27 2.26
CA LEU A 75 -6.53 -4.21 1.15
C LEU A 75 -6.91 -5.22 0.07
N ASP A 76 -6.78 -4.80 -1.17
CA ASP A 76 -7.08 -5.64 -2.34
C ASP A 76 -5.81 -6.44 -2.62
N VAL A 77 -5.91 -7.76 -2.62
CA VAL A 77 -4.71 -8.57 -2.86
C VAL A 77 -4.13 -8.44 -4.27
N THR A 78 -4.93 -7.95 -5.21
CA THR A 78 -4.43 -7.81 -6.57
C THR A 78 -3.46 -6.64 -6.76
N ASN A 79 -3.48 -5.68 -5.83
CA ASN A 79 -2.57 -4.54 -5.93
C ASN A 79 -2.01 -4.05 -4.60
N ALA A 80 -2.37 -4.74 -3.51
CA ALA A 80 -1.93 -4.41 -2.15
C ALA A 80 -2.41 -3.04 -1.68
N TYR A 81 -3.33 -2.43 -2.41
CA TYR A 81 -3.82 -1.09 -2.09
C TYR A 81 -5.06 -1.07 -1.18
N VAL A 82 -5.22 0.03 -0.45
CA VAL A 82 -6.35 0.20 0.47
C VAL A 82 -7.61 0.57 -0.31
N VAL A 83 -8.69 -0.17 -0.12
CA VAL A 83 -9.94 0.11 -0.82
C VAL A 83 -11.02 0.69 0.09
N GLY A 84 -10.76 0.66 1.39
CA GLY A 84 -11.72 1.20 2.34
C GLY A 84 -11.34 0.86 3.77
N TYR A 85 -12.16 1.29 4.71
CA TYR A 85 -11.88 1.00 6.11
C TYR A 85 -13.13 1.01 6.96
N ARG A 86 -13.01 0.43 8.15
CA ARG A 86 -14.12 0.38 9.10
C ARG A 86 -13.68 0.95 10.44
N ALA A 87 -14.58 1.70 11.06
CA ALA A 87 -14.34 2.27 12.37
C ALA A 87 -15.67 2.17 13.11
N GLY A 88 -15.71 1.34 14.14
CA GLY A 88 -16.93 1.17 14.89
C GLY A 88 -18.06 0.65 14.03
N ASN A 89 -19.19 1.35 14.06
CA ASN A 89 -20.37 0.94 13.29
C ASN A 89 -20.47 1.59 11.91
N SER A 90 -19.34 2.05 11.38
CA SER A 90 -19.34 2.67 10.06
C SER A 90 -18.17 2.21 9.21
N ALA A 91 -18.40 2.09 7.91
CA ALA A 91 -17.36 1.68 6.97
C ALA A 91 -17.41 2.63 5.77
N TYR A 92 -16.23 2.94 5.24
CA TYR A 92 -16.13 3.84 4.09
C TYR A 92 -15.24 3.23 3.02
N PHE A 93 -15.71 3.29 1.78
CA PHE A 93 -14.97 2.73 0.64
C PHE A 93 -14.65 3.79 -0.40
N PHE A 94 -13.45 3.71 -0.98
CA PHE A 94 -13.08 4.66 -2.03
C PHE A 94 -13.95 4.35 -3.25
N HIS A 95 -14.18 5.37 -4.09
CA HIS A 95 -15.00 5.20 -5.28
C HIS A 95 -14.43 4.12 -6.19
N PRO A 96 -15.22 3.07 -6.46
CA PRO A 96 -14.77 1.96 -7.31
C PRO A 96 -14.52 2.36 -8.77
N ASP A 97 -13.55 1.70 -9.39
CA ASP A 97 -13.17 1.94 -10.77
C ASP A 97 -14.16 1.34 -11.76
N ASN A 98 -14.84 0.27 -11.35
CA ASN A 98 -15.79 -0.41 -12.23
C ASN A 98 -16.83 -1.17 -11.43
N GLN A 99 -17.81 -1.72 -12.16
CA GLN A 99 -18.90 -2.48 -11.54
C GLN A 99 -18.43 -3.71 -10.78
N GLU A 100 -17.43 -4.42 -11.33
CA GLU A 100 -16.91 -5.61 -10.68
C GLU A 100 -16.35 -5.28 -9.30
N ASP A 101 -15.57 -4.21 -9.21
CA ASP A 101 -14.99 -3.83 -7.93
C ASP A 101 -16.06 -3.34 -6.96
N ALA A 102 -17.09 -2.67 -7.48
CA ALA A 102 -18.18 -2.19 -6.64
C ALA A 102 -18.87 -3.38 -5.99
N GLU A 103 -19.02 -4.47 -6.75
CA GLU A 103 -19.67 -5.67 -6.24
C GLU A 103 -18.73 -6.34 -5.24
N ALA A 104 -17.44 -6.38 -5.57
CA ALA A 104 -16.47 -7.02 -4.70
C ALA A 104 -16.44 -6.44 -3.28
N ILE A 105 -16.48 -5.11 -3.16
CA ILE A 105 -16.43 -4.51 -1.83
C ILE A 105 -17.68 -4.76 -0.98
N THR A 106 -18.77 -5.24 -1.59
CA THR A 106 -19.96 -5.52 -0.78
C THR A 106 -19.69 -6.74 0.10
N HIS A 107 -18.58 -7.42 -0.15
CA HIS A 107 -18.21 -8.60 0.61
C HIS A 107 -17.35 -8.23 1.82
N LEU A 108 -17.10 -6.93 2.00
CA LEU A 108 -16.30 -6.42 3.10
C LEU A 108 -17.16 -5.77 4.18
N PHE A 109 -16.77 -5.99 5.44
CA PHE A 109 -17.49 -5.41 6.59
C PHE A 109 -18.99 -5.52 6.39
N THR A 110 -19.44 -6.73 6.05
CA THR A 110 -20.85 -6.99 5.78
C THR A 110 -21.83 -6.78 6.94
N ASP A 111 -21.32 -6.74 8.17
CA ASP A 111 -22.18 -6.56 9.34
C ASP A 111 -22.24 -5.11 9.84
N VAL A 112 -21.48 -4.22 9.21
CA VAL A 112 -21.49 -2.83 9.64
C VAL A 112 -22.86 -2.19 9.44
N GLN A 113 -23.29 -1.41 10.41
CA GLN A 113 -24.58 -0.74 10.37
C GLN A 113 -24.68 0.38 9.34
N ASN A 114 -23.58 1.08 9.11
CA ASN A 114 -23.55 2.18 8.17
C ASN A 114 -22.46 2.01 7.12
N ARG A 115 -22.87 1.85 5.86
CA ARG A 115 -21.95 1.67 4.74
C ARG A 115 -21.94 2.91 3.85
N TYR A 116 -20.74 3.44 3.58
CA TYR A 116 -20.61 4.62 2.75
C TYR A 116 -19.56 4.40 1.68
N THR A 117 -19.84 4.91 0.48
CA THR A 117 -18.87 4.85 -0.61
C THR A 117 -18.55 6.28 -0.96
N PHE A 118 -17.28 6.65 -0.85
CA PHE A 118 -16.85 8.01 -1.16
C PHE A 118 -17.03 8.25 -2.66
N ALA A 119 -17.29 9.50 -3.03
CA ALA A 119 -17.45 9.85 -4.43
C ALA A 119 -16.08 10.03 -5.06
N PHE A 120 -15.04 10.02 -4.24
CA PHE A 120 -13.67 10.17 -4.72
C PHE A 120 -12.87 8.88 -4.60
N GLY A 121 -11.86 8.74 -5.46
CA GLY A 121 -11.03 7.55 -5.44
C GLY A 121 -9.90 7.68 -4.44
N GLY A 122 -9.18 6.58 -4.23
CA GLY A 122 -8.07 6.57 -3.29
C GLY A 122 -6.69 6.82 -3.89
N ASN A 123 -6.63 7.27 -5.14
CA ASN A 123 -5.35 7.52 -5.77
C ASN A 123 -4.73 8.78 -5.16
N TYR A 124 -3.40 8.85 -5.15
CA TYR A 124 -2.69 10.00 -4.57
C TYR A 124 -3.08 11.34 -5.17
N ASP A 125 -3.23 11.41 -6.49
CA ASP A 125 -3.59 12.66 -7.14
C ASP A 125 -4.84 13.24 -6.47
N ARG A 126 -5.87 12.42 -6.35
CA ARG A 126 -7.12 12.85 -5.74
C ARG A 126 -6.97 13.16 -4.26
N LEU A 127 -6.32 12.27 -3.52
CA LEU A 127 -6.14 12.46 -2.08
C LEU A 127 -5.32 13.70 -1.76
N GLU A 128 -4.31 13.99 -2.56
CA GLU A 128 -3.48 15.17 -2.35
C GLU A 128 -4.31 16.42 -2.55
N GLN A 129 -5.19 16.40 -3.54
CA GLN A 129 -6.05 17.54 -3.81
C GLN A 129 -6.94 17.80 -2.61
N LEU A 130 -7.53 16.73 -2.07
CA LEU A 130 -8.42 16.85 -0.92
C LEU A 130 -7.68 17.22 0.36
N ALA A 131 -6.45 16.74 0.50
CA ALA A 131 -5.64 17.01 1.69
C ALA A 131 -5.08 18.43 1.68
N GLY A 132 -4.92 18.98 0.49
CA GLY A 132 -4.36 20.32 0.38
C GLY A 132 -2.85 20.28 0.50
N ASN A 133 -2.27 19.08 0.34
CA ASN A 133 -0.83 18.89 0.41
C ASN A 133 -0.37 17.71 -0.42
N LEU A 134 0.83 17.81 -0.96
CA LEU A 134 1.40 16.74 -1.76
C LEU A 134 2.10 15.78 -0.81
N ARG A 135 2.36 14.57 -1.28
CA ARG A 135 3.04 13.57 -0.47
C ARG A 135 4.37 14.11 0.04
N GLU A 136 5.07 14.88 -0.78
CA GLU A 136 6.37 15.41 -0.38
C GLU A 136 6.30 16.39 0.81
N ASP A 137 5.09 16.80 1.17
CA ASP A 137 4.91 17.73 2.28
C ASP A 137 4.12 17.14 3.44
N ILE A 138 3.93 15.83 3.41
CA ILE A 138 3.20 15.15 4.46
C ILE A 138 4.16 14.19 5.19
N GLU A 139 4.40 14.47 6.46
CA GLU A 139 5.31 13.66 7.25
C GLU A 139 4.80 12.23 7.48
N LEU A 140 5.74 11.29 7.43
CA LEU A 140 5.46 9.88 7.67
C LEU A 140 6.28 9.45 8.87
N GLY A 141 5.83 8.38 9.52
CA GLY A 141 6.51 7.88 10.70
C GLY A 141 5.48 7.33 11.67
N ASN A 142 5.93 6.84 12.82
CA ASN A 142 5.00 6.28 13.79
C ASN A 142 4.06 7.34 14.38
N GLY A 143 4.55 8.57 14.54
CA GLY A 143 3.73 9.64 15.07
C GLY A 143 2.60 9.93 14.08
N PRO A 144 2.94 10.15 12.81
CA PRO A 144 1.89 10.42 11.82
C PRO A 144 0.87 9.28 11.74
N LEU A 145 1.34 8.03 11.84
CA LEU A 145 0.43 6.90 11.77
C LEU A 145 -0.50 6.86 12.99
N GLU A 146 0.06 7.13 14.16
CA GLU A 146 -0.71 7.17 15.41
C GLU A 146 -1.85 8.18 15.21
N GLU A 147 -1.50 9.35 14.70
CA GLU A 147 -2.45 10.43 14.45
C GLU A 147 -3.47 10.05 13.38
N ALA A 148 -3.01 9.39 12.33
CA ALA A 148 -3.88 8.98 11.23
C ALA A 148 -4.96 8.01 11.68
N ILE A 149 -4.59 7.09 12.56
CA ILE A 149 -5.55 6.11 13.07
C ILE A 149 -6.66 6.82 13.83
N SER A 150 -6.31 7.78 14.66
CA SER A 150 -7.31 8.53 15.42
C SER A 150 -8.21 9.33 14.47
N ALA A 151 -7.59 9.92 13.45
CA ALA A 151 -8.34 10.72 12.47
C ALA A 151 -9.37 9.86 11.73
N LEU A 152 -8.96 8.68 11.29
CA LEU A 152 -9.89 7.80 10.59
C LEU A 152 -11.02 7.39 11.54
N TYR A 153 -10.67 7.08 12.78
CA TYR A 153 -11.65 6.67 13.76
C TYR A 153 -12.72 7.73 14.04
N TYR A 154 -12.29 8.98 14.17
CA TYR A 154 -13.23 10.06 14.49
C TYR A 154 -14.00 10.69 13.32
N TYR A 155 -13.82 10.15 12.11
CA TYR A 155 -14.51 10.73 10.97
C TYR A 155 -16.04 10.67 11.02
N SER A 156 -16.58 9.52 11.36
CA SER A 156 -18.04 9.33 11.41
C SER A 156 -18.80 10.25 12.37
N THR A 157 -18.12 10.76 13.39
CA THR A 157 -18.78 11.63 14.37
C THR A 157 -18.57 13.12 14.10
N GLY A 158 -17.89 13.43 13.00
CA GLY A 158 -17.66 14.81 12.65
C GLY A 158 -16.40 15.40 13.27
N GLY A 159 -15.62 14.58 13.95
CA GLY A 159 -14.41 15.07 14.57
C GLY A 159 -13.25 15.25 13.62
N THR A 160 -13.35 14.66 12.43
CA THR A 160 -12.28 14.75 11.45
C THR A 160 -12.69 15.46 10.16
N GLN A 161 -11.98 16.53 9.82
CA GLN A 161 -12.26 17.27 8.60
C GLN A 161 -11.76 16.50 7.39
N LEU A 162 -12.37 16.73 6.24
CA LEU A 162 -11.98 16.03 5.02
C LEU A 162 -10.48 16.12 4.69
N PRO A 163 -9.88 17.33 4.77
CA PRO A 163 -8.46 17.44 4.46
C PRO A 163 -7.61 16.53 5.34
N THR A 164 -7.93 16.48 6.63
CA THR A 164 -7.20 15.66 7.57
C THR A 164 -7.45 14.18 7.28
N LEU A 165 -8.66 13.85 6.86
CA LEU A 165 -8.99 12.46 6.52
C LEU A 165 -8.11 12.03 5.35
N ALA A 166 -8.07 12.84 4.31
CA ALA A 166 -7.28 12.54 3.12
C ALA A 166 -5.79 12.42 3.45
N ARG A 167 -5.30 13.33 4.28
CA ARG A 167 -3.90 13.32 4.71
C ARG A 167 -3.62 11.99 5.42
N SER A 168 -4.55 11.58 6.26
CA SER A 168 -4.42 10.36 7.02
C SER A 168 -4.40 9.12 6.11
N PHE A 169 -5.20 9.15 5.05
CA PHE A 169 -5.21 8.03 4.12
C PHE A 169 -3.85 7.96 3.43
N ILE A 170 -3.31 9.12 3.07
CA ILE A 170 -2.02 9.18 2.40
C ILE A 170 -0.94 8.56 3.29
N ILE A 171 -1.02 8.81 4.58
CA ILE A 171 -0.06 8.27 5.53
C ILE A 171 -0.20 6.75 5.62
N CYS A 172 -1.42 6.27 5.84
CA CYS A 172 -1.67 4.83 5.97
C CYS A 172 -1.27 4.05 4.72
N ILE A 173 -1.68 4.54 3.57
CA ILE A 173 -1.38 3.86 2.32
C ILE A 173 0.12 3.70 2.11
N GLN A 174 0.89 4.75 2.36
CA GLN A 174 2.33 4.64 2.17
C GLN A 174 3.02 3.75 3.20
N MET A 175 2.60 3.85 4.46
CA MET A 175 3.23 3.05 5.50
C MET A 175 2.81 1.59 5.54
N ILE A 176 1.75 1.26 4.81
CA ILE A 176 1.27 -0.12 4.78
C ILE A 176 1.36 -0.70 3.37
N SER A 177 0.61 -0.14 2.43
CA SER A 177 0.62 -0.64 1.06
C SER A 177 1.96 -0.49 0.35
N GLU A 178 2.51 0.73 0.32
CA GLU A 178 3.79 0.93 -0.34
C GLU A 178 4.91 0.19 0.36
N ALA A 179 4.85 0.10 1.68
CA ALA A 179 5.87 -0.62 2.44
C ALA A 179 5.82 -2.11 2.09
N ALA A 180 4.61 -2.64 1.89
CA ALA A 180 4.47 -4.04 1.53
C ALA A 180 5.04 -4.27 0.13
N ARG A 181 4.80 -3.29 -0.75
CA ARG A 181 5.27 -3.37 -2.13
C ARG A 181 6.78 -3.25 -2.32
N PHE A 182 7.41 -2.45 -1.46
CA PHE A 182 8.85 -2.17 -1.57
C PHE A 182 9.63 -2.34 -0.28
N GLN A 183 10.62 -3.23 -0.26
CA GLN A 183 11.44 -3.39 0.94
C GLN A 183 12.11 -2.04 1.22
N TYR A 184 12.38 -1.28 0.16
CA TYR A 184 13.03 0.02 0.33
C TYR A 184 12.15 0.95 1.15
N ILE A 185 10.85 0.97 0.88
CA ILE A 185 9.95 1.84 1.62
C ILE A 185 9.71 1.30 3.02
N GLU A 186 9.70 -0.03 3.16
CA GLU A 186 9.56 -0.62 4.48
C GLU A 186 10.76 -0.12 5.30
N GLY A 187 11.93 -0.14 4.67
CA GLY A 187 13.14 0.32 5.35
C GLY A 187 13.07 1.77 5.76
N GLU A 188 12.46 2.58 4.92
CA GLU A 188 12.30 4.00 5.21
C GLU A 188 11.48 4.20 6.46
N MET A 189 10.44 3.38 6.64
CA MET A 189 9.61 3.49 7.81
C MET A 189 10.30 2.90 9.04
N ARG A 190 11.07 1.84 8.83
CA ARG A 190 11.81 1.22 9.94
C ARG A 190 12.76 2.26 10.53
N THR A 191 13.45 2.99 9.66
CA THR A 191 14.40 4.01 10.10
C THR A 191 13.70 5.11 10.90
N ARG A 192 12.55 5.56 10.41
CA ARG A 192 11.80 6.60 11.11
C ARG A 192 11.39 6.11 12.50
N ILE A 193 11.03 4.84 12.60
CA ILE A 193 10.62 4.28 13.88
C ILE A 193 11.83 4.16 14.81
N ARG A 194 12.94 3.64 14.29
CA ARG A 194 14.15 3.46 15.07
C ARG A 194 14.63 4.74 15.75
N TYR A 195 14.42 5.87 15.11
CA TYR A 195 14.87 7.15 15.66
C TYR A 195 13.73 8.09 16.04
N ASN A 196 12.52 7.55 16.08
CA ASN A 196 11.32 8.33 16.38
C ASN A 196 11.36 9.65 15.65
N ARG A 197 11.58 9.56 14.35
CA ARG A 197 11.64 10.72 13.48
C ARG A 197 10.44 10.70 12.54
N ARG A 198 9.85 11.87 12.32
CA ARG A 198 8.74 11.99 11.41
C ARG A 198 9.22 12.94 10.33
N SER A 199 9.12 12.49 9.08
CA SER A 199 9.57 13.29 7.96
C SER A 199 8.87 12.85 6.69
N ALA A 200 8.72 13.79 5.77
CA ALA A 200 8.07 13.50 4.50
C ALA A 200 8.95 12.59 3.65
N PRO A 201 8.34 11.84 2.73
CA PRO A 201 9.11 10.94 1.86
C PRO A 201 9.94 11.75 0.86
N ASP A 202 11.19 11.36 0.65
CA ASP A 202 12.03 12.08 -0.31
C ASP A 202 11.78 11.55 -1.73
N PRO A 203 12.44 12.14 -2.73
CA PRO A 203 12.24 11.70 -4.13
C PRO A 203 12.43 10.21 -4.42
N SER A 204 13.32 9.55 -3.71
CA SER A 204 13.53 8.12 -3.95
C SER A 204 12.26 7.34 -3.62
N VAL A 205 11.59 7.74 -2.55
CA VAL A 205 10.35 7.08 -2.13
C VAL A 205 9.22 7.43 -3.09
N ILE A 206 9.06 8.71 -3.37
CA ILE A 206 8.00 9.18 -4.26
C ILE A 206 8.08 8.55 -5.64
N THR A 207 9.27 8.55 -6.26
CA THR A 207 9.39 7.97 -7.59
C THR A 207 9.13 6.47 -7.61
N LEU A 208 9.49 5.76 -6.55
CA LEU A 208 9.21 4.33 -6.51
C LEU A 208 7.69 4.13 -6.47
N GLU A 209 7.00 4.88 -5.62
CA GLU A 209 5.55 4.77 -5.54
C GLU A 209 4.92 5.04 -6.90
N ASN A 210 5.37 6.11 -7.56
CA ASN A 210 4.82 6.47 -8.86
C ASN A 210 5.16 5.49 -9.97
N SER A 211 6.22 4.72 -9.78
CA SER A 211 6.68 3.78 -10.80
C SER A 211 6.35 2.31 -10.56
N TRP A 212 5.68 1.99 -9.46
CA TRP A 212 5.39 0.59 -9.15
C TRP A 212 4.72 -0.17 -10.29
N GLY A 213 3.69 0.44 -10.88
CA GLY A 213 3.00 -0.22 -11.98
C GLY A 213 3.91 -0.44 -13.18
N ARG A 214 4.66 0.59 -13.56
CA ARG A 214 5.57 0.49 -14.70
C ARG A 214 6.69 -0.50 -14.46
N LEU A 215 7.23 -0.51 -13.24
CA LEU A 215 8.30 -1.44 -12.89
C LEU A 215 7.78 -2.87 -12.98
N SER A 216 6.56 -3.08 -12.49
CA SER A 216 5.94 -4.40 -12.54
C SER A 216 5.84 -4.89 -13.99
N THR A 217 5.36 -4.01 -14.87
CA THR A 217 5.23 -4.36 -16.27
C THR A 217 6.58 -4.60 -16.94
N ALA A 218 7.53 -3.68 -16.70
CA ALA A 218 8.86 -3.79 -17.28
C ALA A 218 9.56 -5.10 -16.90
N ILE A 219 9.44 -5.48 -15.64
CA ILE A 219 10.06 -6.71 -15.17
C ILE A 219 9.41 -7.92 -15.82
N GLN A 220 8.08 -7.94 -15.85
CA GLN A 220 7.37 -9.08 -16.43
C GLN A 220 7.51 -9.20 -17.94
N GLU A 221 7.72 -8.08 -18.62
CA GLU A 221 7.89 -8.07 -20.08
C GLU A 221 9.36 -8.12 -20.48
N SER A 222 10.25 -8.08 -19.49
CA SER A 222 11.68 -8.09 -19.77
C SER A 222 12.16 -9.33 -20.50
N ASN A 223 13.30 -9.18 -21.16
CA ASN A 223 13.91 -10.29 -21.87
C ASN A 223 15.01 -10.83 -20.97
N GLN A 224 14.69 -11.92 -20.26
CA GLN A 224 15.63 -12.53 -19.33
C GLN A 224 16.07 -11.53 -18.27
N GLY A 225 15.19 -10.58 -17.94
CA GLY A 225 15.49 -9.58 -16.93
C GLY A 225 15.87 -8.21 -17.47
N ALA A 226 16.22 -8.16 -18.76
CA ALA A 226 16.62 -6.91 -19.39
C ALA A 226 15.41 -6.11 -19.86
N PHE A 227 15.32 -4.86 -19.42
CA PHE A 227 14.22 -3.97 -19.81
C PHE A 227 14.33 -3.57 -21.27
N ALA A 228 13.20 -3.55 -21.96
CA ALA A 228 13.19 -3.15 -23.37
C ALA A 228 13.51 -1.65 -23.43
N SER A 229 13.04 -0.92 -22.43
CA SER A 229 13.28 0.51 -22.34
C SER A 229 13.56 0.81 -20.87
N PRO A 230 14.56 1.66 -20.60
CA PRO A 230 14.90 1.99 -19.21
C PRO A 230 13.82 2.78 -18.49
N ILE A 231 13.80 2.65 -17.16
CA ILE A 231 12.86 3.39 -16.33
C ILE A 231 13.70 4.32 -15.46
N GLN A 232 13.32 5.59 -15.45
CA GLN A 232 14.06 6.57 -14.68
C GLN A 232 13.46 6.79 -13.29
N LEU A 233 14.27 6.55 -12.27
CA LEU A 233 13.86 6.77 -10.89
C LEU A 233 14.71 7.93 -10.38
N GLN A 234 14.53 8.27 -9.12
CA GLN A 234 15.30 9.36 -8.53
C GLN A 234 15.96 8.93 -7.22
N ARG A 235 17.14 9.47 -6.96
CA ARG A 235 17.86 9.19 -5.74
C ARG A 235 17.32 10.17 -4.69
N ARG A 236 17.79 10.04 -3.45
CA ARG A 236 17.33 10.92 -2.38
C ARG A 236 17.46 12.41 -2.69
N ASN A 237 18.54 12.79 -3.38
CA ASN A 237 18.76 14.18 -3.72
C ASN A 237 18.02 14.63 -4.97
N GLY A 238 17.21 13.74 -5.53
CA GLY A 238 16.46 14.08 -6.73
C GLY A 238 17.15 13.78 -8.05
N SER A 239 18.42 13.38 -7.99
CA SER A 239 19.15 13.07 -9.22
C SER A 239 18.63 11.78 -9.82
N LYS A 240 18.77 11.64 -11.14
CA LYS A 240 18.29 10.46 -11.83
C LYS A 240 19.05 9.17 -11.58
N PHE A 241 18.31 8.08 -11.59
CA PHE A 241 18.85 6.74 -11.42
C PHE A 241 18.15 5.88 -12.46
N SER A 242 18.90 5.46 -13.48
CA SER A 242 18.33 4.66 -14.56
C SER A 242 18.28 3.17 -14.23
N VAL A 243 17.13 2.57 -14.47
CA VAL A 243 16.93 1.14 -14.23
C VAL A 243 16.85 0.44 -15.59
N TYR A 244 17.79 -0.45 -15.85
CA TYR A 244 17.84 -1.19 -17.12
C TYR A 244 17.56 -2.67 -16.94
N ASP A 245 17.58 -3.14 -15.70
CA ASP A 245 17.45 -4.56 -15.42
C ASP A 245 16.74 -4.82 -14.11
N VAL A 246 16.10 -5.99 -14.01
CA VAL A 246 15.40 -6.37 -12.79
C VAL A 246 16.40 -6.55 -11.63
N SER A 247 17.63 -6.94 -11.96
CA SER A 247 18.64 -7.21 -10.94
C SER A 247 18.84 -6.12 -9.90
N ILE A 248 18.89 -4.87 -10.35
CA ILE A 248 19.11 -3.74 -9.46
C ILE A 248 17.92 -3.50 -8.53
N LEU A 249 16.78 -4.10 -8.86
CA LEU A 249 15.57 -3.94 -8.07
C LEU A 249 15.31 -5.02 -7.02
N ILE A 250 16.14 -6.06 -7.02
CA ILE A 250 15.96 -7.16 -6.08
C ILE A 250 15.85 -6.74 -4.62
N PRO A 251 16.72 -5.82 -4.17
CA PRO A 251 16.65 -5.38 -2.77
C PRO A 251 15.62 -4.26 -2.57
N ILE A 252 14.97 -3.85 -3.65
CA ILE A 252 14.03 -2.73 -3.61
C ILE A 252 12.54 -3.00 -3.67
N ILE A 253 12.12 -3.80 -4.64
CA ILE A 253 10.71 -4.11 -4.83
C ILE A 253 10.42 -5.53 -4.33
N ALA A 254 9.41 -5.64 -3.46
CA ALA A 254 9.05 -6.91 -2.84
C ALA A 254 7.98 -7.72 -3.54
N LEU A 255 7.09 -7.06 -4.27
CA LEU A 255 6.04 -7.74 -5.00
C LEU A 255 5.52 -6.86 -6.12
N MET A 256 4.90 -7.48 -7.11
CA MET A 256 4.39 -6.77 -8.29
C MET A 256 2.95 -7.09 -8.60
N VAL A 257 2.29 -6.15 -9.27
CA VAL A 257 0.92 -6.37 -9.71
C VAL A 257 1.03 -7.25 -10.96
N TYR A 258 0.08 -8.18 -11.13
CA TYR A 258 0.12 -9.07 -12.28
C TYR A 258 -0.12 -8.26 -13.55
N ARG A 259 0.79 -8.38 -14.53
CA ARG A 259 0.66 -7.65 -15.78
C ARG A 259 0.49 -8.54 -16.99
N CYS A 260 1.31 -9.59 -17.08
CA CYS A 260 1.22 -10.53 -18.18
C CYS A 260 1.54 -11.92 -17.67
N ALA A 261 1.23 -12.93 -18.48
CA ALA A 261 1.53 -14.30 -18.11
C ALA A 261 3.02 -14.48 -18.27
N PRO A 262 3.65 -15.27 -17.38
CA PRO A 262 5.10 -15.47 -17.51
C PRO A 262 5.40 -16.30 -18.75
N PRO A 263 6.38 -15.89 -19.55
CA PRO A 263 6.72 -16.65 -20.75
C PRO A 263 7.26 -18.02 -20.35
N PRO A 264 7.33 -18.96 -21.31
CA PRO A 264 7.85 -20.29 -20.99
C PRO A 264 9.25 -20.15 -20.40
N SER A 265 9.66 -21.12 -19.59
CA SER A 265 10.97 -21.10 -18.96
C SER A 265 12.08 -20.77 -19.95
N SER A 266 12.08 -21.46 -21.09
CA SER A 266 13.05 -21.26 -22.15
C SER A 266 14.51 -21.12 -21.70
N GLN A 267 14.97 -22.07 -20.89
CA GLN A 267 16.36 -22.06 -20.42
C GLN A 267 17.25 -22.64 -21.52
N PHE A 268 18.53 -22.29 -21.49
CA PHE A 268 19.45 -22.80 -22.50
C PHE A 268 19.67 -24.29 -22.31
C1 GLC B . 4.24 7.17 18.92
C2 GLC B . 3.42 6.07 19.63
C3 GLC B . 4.17 5.64 20.92
C4 GLC B . 5.52 5.03 20.43
C5 GLC B . 6.35 6.14 19.71
C6 GLC B . 7.68 5.69 19.18
O2 GLC B . 2.18 6.61 19.95
O3 GLC B . 3.44 4.66 21.56
O4 GLC B . 6.29 4.60 21.50
O5 GLC B . 5.61 6.68 18.58
O6 GLC B . 8.29 6.80 18.57
C1 GLC B . 4.96 9.47 19.32
C2 GLC B . 5.78 10.63 19.90
C3 GLC B . 4.80 11.43 20.87
C4 GLC B . 3.71 12.01 19.96
C5 GLC B . 2.91 10.83 19.25
C6 GLC B . 1.82 11.36 18.31
O1 GLC B . 4.28 8.28 19.75
O2 GLC B . 6.79 10.06 20.67
O3 GLC B . 5.47 12.49 21.46
O4 GLC B . 2.77 12.76 20.72
O5 GLC B . 3.88 10.05 18.49
O6 GLC B . 2.39 12.20 17.34
C1 GLC C . -13.63 -15.15 -11.30
C2 GLC C . -14.25 -14.73 -9.93
C3 GLC C . -15.18 -13.51 -10.19
C4 GLC C . -14.27 -12.38 -10.72
C5 GLC C . -13.63 -12.82 -12.08
C6 GLC C . -12.70 -11.82 -12.71
O2 GLC C . -14.97 -15.81 -9.44
O3 GLC C . -15.75 -13.13 -8.98
O4 GLC C . -14.99 -11.23 -10.98
O5 GLC C . -12.87 -14.04 -11.91
O6 GLC C . -12.21 -12.37 -13.92
C1 GLC C . -14.45 -16.05 -13.45
C2 GLC C . -15.25 -16.31 -14.73
C3 GLC C . -16.25 -17.49 -14.37
C4 GLC C . -15.36 -18.73 -14.12
C5 GLC C . -14.41 -18.45 -12.88
C6 GLC C . -13.47 -19.63 -12.60
O1 GLC C . -14.68 -15.60 -12.12
O2 GLC C . -16.00 -15.18 -14.96
O3 GLC C . -17.05 -17.79 -15.46
O4 GLC C . -16.14 -19.87 -13.80
O5 GLC C . -13.63 -17.27 -13.19
O6 GLC C . -12.59 -19.81 -13.70
S SO4 D . 11.60 -5.46 20.21
O1 SO4 D . 12.64 -4.54 19.72
O2 SO4 D . 11.29 -5.12 21.62
O3 SO4 D . 10.37 -5.31 19.40
O4 SO4 D . 12.08 -6.84 20.11
S SO4 E . -11.29 10.23 -8.75
O1 SO4 E . -12.35 9.89 -9.71
O2 SO4 E . -11.90 10.76 -7.51
O3 SO4 E . -10.50 9.03 -8.43
O4 SO4 E . -10.40 11.26 -9.33
#